data_2F4J
#
_entry.id   2F4J
#
_cell.length_a   44.768
_cell.length_b   59.417
_cell.length_c   66.896
_cell.angle_alpha   90.00
_cell.angle_beta   98.42
_cell.angle_gamma   90.00
#
_symmetry.space_group_name_H-M   'P 1 21 1'
#
loop_
_entity.id
_entity.type
_entity.pdbx_description
1 polymer 'Proto-oncogene tyrosine-protein kinase ABL1'
2 non-polymer 'CYCLOPROPANECARBOXYLIC ACID {4-[4-(4-METHYL-PIPERAZIN-1-YL)-6-(5-METHYL-2H-PYRAZOL-3-YLAMINO)-PYRIMIDIN-2-YLSULFANYL]-PHENYL}-AMIDE'
3 water water
#
_entity_poly.entity_id   1
_entity_poly.type   'polypeptide(L)'
_entity_poly.pdbx_seq_one_letter_code
;GMSPNYDKWEMERTDITMKHKLGGGQYGEVYEGVWKKYSLTVAVKTLKEDTMEVEEFLKEAAVMKEIKHPNLVQLLGVCT
REPPFYIITEFMTYGNLLDYLRECNRQEVNAVVLLYMATQISSAMEYLEKKNFIHRDLAARNCLVGENHLVKVADFGLSR
LMTGDTYTAPAGAKFPIKWTAPESLAYNKFSIKSDVWAFGVLLWEIATYGMSPYPGIDLSQVYELLEKDYRMERPEGCPE
KVYELMRACWQWNPSDRPSFAEIHQAFETMFQESSISDEVEKELGKQ
;
_entity_poly.pdbx_strand_id   A
#
loop_
_chem_comp.id
_chem_comp.type
_chem_comp.name
_chem_comp.formula
VX6 non-polymer 'CYCLOPROPANECARBOXYLIC ACID {4-[4-(4-METHYL-PIPERAZIN-1-YL)-6-(5-METHYL-2H-PYRAZOL-3-YLAMINO)-PYRIMIDIN-2-YLSULFANYL]-PHENYL}-AMIDE' 'C23 H28 N8 O S'
#
# COMPACT_ATOMS: atom_id res chain seq x y z
N GLY A 1 8.95 -31.74 -21.09
CA GLY A 1 7.56 -32.14 -20.71
C GLY A 1 7.39 -32.24 -19.20
N MET A 2 6.72 -31.27 -18.60
CA MET A 2 6.48 -31.27 -17.16
C MET A 2 5.40 -32.28 -16.80
N SER A 3 5.29 -32.63 -15.52
CA SER A 3 4.27 -33.58 -15.09
C SER A 3 2.88 -32.94 -15.27
N PRO A 4 1.83 -33.77 -15.48
CA PRO A 4 0.44 -33.33 -15.69
C PRO A 4 -0.16 -32.27 -14.77
N ASN A 5 0.09 -32.36 -13.47
CA ASN A 5 -0.46 -31.41 -12.52
C ASN A 5 0.54 -30.38 -12.03
N TYR A 6 1.55 -30.11 -12.84
CA TYR A 6 2.56 -29.14 -12.50
C TYR A 6 1.92 -27.75 -12.47
N ASP A 7 2.26 -26.98 -11.45
CA ASP A 7 1.76 -25.61 -11.31
C ASP A 7 2.95 -24.87 -10.76
N LYS A 8 3.48 -23.91 -11.52
CA LYS A 8 4.65 -23.19 -11.08
C LYS A 8 4.53 -22.41 -9.78
N TRP A 9 3.32 -22.00 -9.39
CA TRP A 9 3.20 -21.24 -8.13
C TRP A 9 2.94 -22.10 -6.88
N GLU A 10 2.48 -23.34 -7.08
CA GLU A 10 2.17 -24.22 -5.96
C GLU A 10 3.39 -24.81 -5.26
N MET A 11 3.25 -25.07 -3.96
CA MET A 11 4.33 -25.68 -3.18
C MET A 11 3.73 -26.44 -2.00
N GLU A 12 4.44 -27.46 -1.53
CA GLU A 12 3.94 -28.26 -0.42
C GLU A 12 4.05 -27.54 0.91
N ARG A 13 2.98 -27.61 1.69
CA ARG A 13 2.95 -26.95 3.00
C ARG A 13 4.12 -27.39 3.85
N THR A 14 4.55 -28.64 3.67
CA THR A 14 5.66 -29.18 4.45
C THR A 14 6.96 -28.44 4.19
N ASP A 15 7.01 -27.68 3.11
CA ASP A 15 8.21 -26.92 2.78
C ASP A 15 8.31 -25.68 3.65
N ILE A 16 7.20 -25.34 4.31
CA ILE A 16 7.12 -24.14 5.15
C ILE A 16 7.01 -24.38 6.65
N THR A 17 7.85 -23.69 7.43
CA THR A 17 7.78 -23.78 8.89
C THR A 17 6.90 -22.61 9.32
N MET A 18 5.83 -22.88 10.05
CA MET A 18 4.95 -21.81 10.51
C MET A 18 5.40 -21.39 11.92
N LYS A 19 5.52 -20.09 12.14
CA LYS A 19 5.93 -19.59 13.43
C LYS A 19 4.85 -18.76 14.11
N HIS A 20 5.21 -17.58 14.62
CA HIS A 20 4.26 -16.72 15.32
C HIS A 20 3.35 -15.87 14.43
N LYS A 21 2.21 -15.49 14.97
CA LYS A 21 1.24 -14.68 14.25
C LYS A 21 1.77 -13.25 14.14
N LEU A 22 1.51 -12.62 13.01
CA LEU A 22 1.96 -11.26 12.78
C LEU A 22 0.80 -10.27 12.77
N GLY A 23 1.09 -9.02 13.11
CA GLY A 23 0.08 -7.97 13.11
C GLY A 23 -0.92 -7.96 14.25
N GLY A 24 -0.65 -8.73 15.30
CA GLY A 24 -1.56 -8.76 16.43
C GLY A 24 -3.01 -8.99 16.03
N GLY A 25 -3.23 -9.87 15.07
CA GLY A 25 -4.59 -10.16 14.64
C GLY A 25 -5.23 -9.06 13.81
N GLN A 26 -4.52 -7.95 13.61
CA GLN A 26 -5.06 -6.84 12.83
C GLN A 26 -5.13 -7.14 11.33
N TYR A 27 -4.30 -8.07 10.86
CA TYR A 27 -4.31 -8.39 9.44
C TYR A 27 -4.81 -9.80 9.12
N GLY A 28 -5.64 -10.35 9.99
CA GLY A 28 -6.17 -11.68 9.75
C GLY A 28 -5.22 -12.78 10.18
N GLU A 29 -5.35 -13.94 9.55
CA GLU A 29 -4.50 -15.08 9.89
C GLU A 29 -3.19 -15.06 9.09
N VAL A 30 -2.25 -14.24 9.55
CA VAL A 30 -0.95 -14.12 8.91
C VAL A 30 0.13 -14.47 9.93
N TYR A 31 1.09 -15.27 9.49
CA TYR A 31 2.17 -15.71 10.36
C TYR A 31 3.54 -15.54 9.72
N GLU A 32 4.56 -15.49 10.56
CA GLU A 32 5.91 -15.41 10.04
C GLU A 32 6.25 -16.88 9.82
N GLY A 33 6.94 -17.18 8.73
CA GLY A 33 7.28 -18.56 8.48
C GLY A 33 8.66 -18.65 7.86
N VAL A 34 9.08 -19.86 7.54
CA VAL A 34 10.38 -20.07 6.93
C VAL A 34 10.25 -21.08 5.80
N TRP A 35 10.80 -20.73 4.65
CA TRP A 35 10.83 -21.60 3.48
C TRP A 35 12.15 -22.35 3.70
N LYS A 36 12.05 -23.49 4.37
CA LYS A 36 13.20 -24.35 4.72
C LYS A 36 14.28 -24.49 3.64
N LYS A 37 13.86 -24.90 2.45
CA LYS A 37 14.77 -25.09 1.33
C LYS A 37 15.83 -24.01 1.22
N TYR A 38 15.41 -22.76 1.44
CA TYR A 38 16.33 -21.64 1.35
C TYR A 38 16.61 -20.96 2.69
N SER A 39 16.08 -21.54 3.77
CA SER A 39 16.27 -20.97 5.11
C SER A 39 15.80 -19.53 5.04
N LEU A 40 14.75 -19.30 4.26
CA LEU A 40 14.21 -17.97 4.04
C LEU A 40 13.00 -17.59 4.87
N THR A 41 13.08 -16.45 5.55
CA THR A 41 11.95 -15.99 6.34
C THR A 41 10.91 -15.44 5.34
N VAL A 42 9.65 -15.82 5.54
CA VAL A 42 8.56 -15.41 4.66
C VAL A 42 7.33 -15.08 5.49
N ALA A 43 6.36 -14.43 4.85
CA ALA A 43 5.11 -14.08 5.50
C ALA A 43 4.09 -15.07 4.93
N VAL A 44 3.25 -15.62 5.78
CA VAL A 44 2.26 -16.58 5.32
C VAL A 44 0.85 -16.22 5.76
N LYS A 45 -0.01 -15.93 4.79
CA LYS A 45 -1.40 -15.60 5.08
C LYS A 45 -2.19 -16.88 4.86
N THR A 46 -3.07 -17.21 5.80
CA THR A 46 -3.85 -18.41 5.65
C THR A 46 -5.33 -18.16 5.85
N LEU A 47 -6.12 -19.21 5.62
CA LEU A 47 -7.57 -19.10 5.73
C LEU A 47 -8.11 -20.13 6.72
N LYS A 48 -8.89 -19.66 7.68
CA LYS A 48 -9.48 -20.57 8.67
C LYS A 48 -10.39 -21.58 8.00
N GLU A 49 -10.48 -22.77 8.57
CA GLU A 49 -11.37 -23.80 8.04
C GLU A 49 -12.76 -23.21 8.26
N ASP A 50 -13.74 -23.66 7.46
CA ASP A 50 -15.14 -23.23 7.54
C ASP A 50 -15.41 -21.99 6.70
N THR A 51 -14.69 -20.92 7.01
CA THR A 51 -14.80 -19.61 6.34
C THR A 51 -15.70 -19.47 5.13
N MET A 52 -16.33 -18.29 5.03
CA MET A 52 -17.21 -17.97 3.92
C MET A 52 -16.50 -16.90 3.09
N GLU A 53 -15.17 -16.93 3.12
CA GLU A 53 -14.37 -15.97 2.37
C GLU A 53 -13.27 -16.64 1.56
N VAL A 54 -13.51 -17.89 1.17
CA VAL A 54 -12.54 -18.64 0.38
C VAL A 54 -12.38 -18.03 -0.99
N GLU A 55 -13.49 -17.58 -1.57
CA GLU A 55 -13.43 -16.98 -2.89
C GLU A 55 -12.57 -15.72 -2.90
N GLU A 56 -12.68 -14.93 -1.83
CA GLU A 56 -11.91 -13.70 -1.70
C GLU A 56 -10.43 -14.03 -1.60
N PHE A 57 -10.11 -15.12 -0.91
CA PHE A 57 -8.73 -15.55 -0.71
C PHE A 57 -8.11 -15.97 -2.05
N LEU A 58 -8.82 -16.82 -2.80
CA LEU A 58 -8.30 -17.28 -4.09
C LEU A 58 -8.10 -16.12 -5.06
N LYS A 59 -9.00 -15.14 -5.03
CA LYS A 59 -8.89 -13.99 -5.90
C LYS A 59 -7.63 -13.19 -5.56
N GLU A 60 -7.41 -12.98 -4.27
CA GLU A 60 -6.22 -12.24 -3.83
C GLU A 60 -4.97 -12.95 -4.34
N ALA A 61 -4.94 -14.27 -4.20
CA ALA A 61 -3.80 -15.06 -4.66
C ALA A 61 -3.61 -14.88 -6.17
N ALA A 62 -4.72 -14.98 -6.91
CA ALA A 62 -4.67 -14.85 -8.35
C ALA A 62 -4.07 -13.52 -8.81
N VAL A 63 -4.56 -12.42 -8.25
CA VAL A 63 -4.05 -11.11 -8.60
C VAL A 63 -2.54 -10.97 -8.39
N MET A 64 -2.03 -11.54 -7.30
CA MET A 64 -0.61 -11.44 -7.02
C MET A 64 0.30 -12.16 -8.01
N LYS A 65 -0.25 -13.11 -8.74
CA LYS A 65 0.54 -13.83 -9.74
C LYS A 65 0.67 -12.98 -11.00
N GLU A 66 -0.11 -11.89 -11.06
CA GLU A 66 -0.14 -11.00 -12.23
C GLU A 66 0.67 -9.72 -12.14
N ILE A 67 1.14 -9.36 -10.95
CA ILE A 67 1.90 -8.14 -10.80
C ILE A 67 3.30 -8.37 -10.28
N LYS A 68 4.24 -7.57 -10.77
CA LYS A 68 5.63 -7.71 -10.35
C LYS A 68 6.32 -6.36 -10.48
N HIS A 69 6.79 -5.85 -9.35
CA HIS A 69 7.46 -4.56 -9.30
C HIS A 69 8.27 -4.46 -8.02
N PRO A 70 9.46 -3.82 -8.09
CA PRO A 70 10.34 -3.65 -6.93
C PRO A 70 9.62 -3.11 -5.69
N ASN A 71 8.59 -2.31 -5.89
CA ASN A 71 7.88 -1.73 -4.76
C ASN A 71 6.49 -2.30 -4.46
N LEU A 72 6.27 -3.54 -4.93
CA LEU A 72 5.04 -4.28 -4.69
C LEU A 72 5.54 -5.53 -4.01
N VAL A 73 5.00 -5.86 -2.83
CA VAL A 73 5.47 -7.06 -2.14
C VAL A 73 5.24 -8.28 -3.02
N GLN A 74 6.31 -9.04 -3.20
CA GLN A 74 6.32 -10.22 -4.07
C GLN A 74 5.76 -11.54 -3.56
N LEU A 75 4.85 -12.11 -4.36
CA LEU A 75 4.27 -13.41 -4.06
C LEU A 75 5.38 -14.43 -4.36
N LEU A 76 5.63 -15.34 -3.44
CA LEU A 76 6.66 -16.36 -3.66
C LEU A 76 6.04 -17.70 -3.99
N GLY A 77 4.82 -17.92 -3.50
CA GLY A 77 4.14 -19.17 -3.77
C GLY A 77 2.81 -19.25 -3.07
N VAL A 78 2.07 -20.33 -3.36
CA VAL A 78 0.77 -20.55 -2.75
C VAL A 78 0.55 -22.03 -2.50
N CYS A 79 -0.44 -22.32 -1.67
CA CYS A 79 -0.87 -23.69 -1.33
C CYS A 79 -2.38 -23.55 -1.41
N THR A 80 -2.92 -23.72 -2.60
CA THR A 80 -4.36 -23.56 -2.79
C THR A 80 -5.05 -24.74 -3.47
N ARG A 81 -4.48 -25.94 -3.37
CA ARG A 81 -5.10 -27.12 -3.95
C ARG A 81 -6.13 -27.72 -2.99
N GLU A 82 -5.74 -27.88 -1.73
CA GLU A 82 -6.62 -28.44 -0.70
C GLU A 82 -6.59 -27.69 0.63
N PRO A 83 -7.55 -27.99 1.53
CA PRO A 83 -7.77 -27.45 2.87
C PRO A 83 -7.00 -26.21 3.33
N PRO A 84 -6.02 -26.34 4.26
CA PRO A 84 -5.38 -25.06 4.63
C PRO A 84 -4.65 -24.30 3.51
N PHE A 85 -5.32 -23.27 3.00
CA PHE A 85 -4.79 -22.43 1.94
C PHE A 85 -3.74 -21.46 2.46
N TYR A 86 -2.62 -21.33 1.73
CA TYR A 86 -1.55 -20.41 2.10
C TYR A 86 -1.21 -19.47 0.94
N ILE A 87 -0.79 -18.27 1.30
CA ILE A 87 -0.30 -17.28 0.34
C ILE A 87 1.05 -16.93 0.97
N ILE A 88 2.12 -17.19 0.23
CA ILE A 88 3.48 -16.95 0.72
C ILE A 88 4.16 -15.80 -0.01
N THR A 89 4.61 -14.81 0.75
CA THR A 89 5.26 -13.65 0.16
C THR A 89 6.58 -13.35 0.85
N GLU A 90 7.41 -12.54 0.18
CA GLU A 90 8.71 -12.14 0.74
C GLU A 90 8.47 -11.43 2.07
N PHE A 91 9.40 -11.60 3.00
CA PHE A 91 9.26 -10.98 4.30
C PHE A 91 9.85 -9.57 4.41
N MET A 92 9.04 -8.64 4.89
CA MET A 92 9.48 -7.26 5.08
C MET A 92 9.75 -7.14 6.58
N THR A 93 11.03 -7.10 6.93
CA THR A 93 11.45 -7.08 8.33
C THR A 93 10.87 -6.06 9.31
N TYR A 94 10.55 -4.85 8.86
CA TYR A 94 10.02 -3.84 9.78
C TYR A 94 8.50 -3.67 9.89
N GLY A 95 7.75 -4.52 9.21
CA GLY A 95 6.30 -4.45 9.30
C GLY A 95 5.63 -3.34 8.52
N ASN A 96 4.36 -3.09 8.86
CA ASN A 96 3.56 -2.07 8.19
C ASN A 96 4.06 -0.66 8.46
N LEU A 97 3.94 0.17 7.43
CA LEU A 97 4.40 1.55 7.48
C LEU A 97 3.79 2.43 8.56
N LEU A 98 2.49 2.28 8.82
CA LEU A 98 1.86 3.11 9.84
C LEU A 98 2.55 2.98 11.20
N ASP A 99 2.74 1.76 11.67
CA ASP A 99 3.39 1.55 12.96
C ASP A 99 4.86 1.92 12.90
N TYR A 100 5.48 1.72 11.74
CA TYR A 100 6.88 2.07 11.56
C TYR A 100 7.02 3.57 11.85
N LEU A 101 6.16 4.35 11.21
CA LEU A 101 6.17 5.80 11.39
C LEU A 101 5.91 6.21 12.83
N ARG A 102 4.96 5.54 13.48
CA ARG A 102 4.60 5.85 14.87
C ARG A 102 5.66 5.50 15.91
N GLU A 103 6.63 4.66 15.55
CA GLU A 103 7.66 4.25 16.50
C GLU A 103 9.07 4.52 16.00
N CYS A 104 9.22 5.28 14.93
CA CYS A 104 10.55 5.53 14.38
C CYS A 104 11.38 6.56 15.12
N ASN A 105 12.67 6.58 14.78
CA ASN A 105 13.63 7.52 15.32
C ASN A 105 13.65 8.59 14.23
N ARG A 106 13.11 9.76 14.52
CA ARG A 106 13.04 10.82 13.52
C ARG A 106 14.39 11.35 13.07
N GLN A 107 15.45 11.01 13.79
CA GLN A 107 16.78 11.43 13.40
C GLN A 107 17.14 10.60 12.17
N GLU A 108 16.65 9.36 12.16
CA GLU A 108 16.88 8.44 11.06
C GLU A 108 15.83 8.68 9.97
N VAL A 109 14.56 8.58 10.34
CA VAL A 109 13.48 8.80 9.38
C VAL A 109 13.23 10.30 9.30
N ASN A 110 14.08 11.00 8.56
CA ASN A 110 13.97 12.44 8.43
C ASN A 110 13.25 12.87 7.17
N ALA A 111 13.35 14.16 6.87
CA ALA A 111 12.69 14.74 5.70
C ALA A 111 12.99 13.96 4.42
N VAL A 112 14.26 13.63 4.22
CA VAL A 112 14.67 12.89 3.04
C VAL A 112 13.99 11.51 2.97
N VAL A 113 13.99 10.79 4.09
CA VAL A 113 13.38 9.47 4.11
C VAL A 113 11.88 9.50 3.82
N LEU A 114 11.19 10.54 4.28
CA LEU A 114 9.76 10.65 4.04
C LEU A 114 9.48 10.82 2.54
N LEU A 115 10.34 11.58 1.86
CA LEU A 115 10.17 11.79 0.42
C LEU A 115 10.50 10.49 -0.30
N TYR A 116 11.48 9.76 0.23
CA TYR A 116 11.91 8.49 -0.34
C TYR A 116 10.75 7.49 -0.29
N MET A 117 10.03 7.47 0.82
CA MET A 117 8.89 6.56 0.99
C MET A 117 7.80 6.87 -0.04
N ALA A 118 7.45 8.14 -0.16
CA ALA A 118 6.41 8.56 -1.11
C ALA A 118 6.85 8.30 -2.56
N THR A 119 8.14 8.44 -2.82
CA THR A 119 8.65 8.19 -4.16
C THR A 119 8.51 6.71 -4.53
N GLN A 120 8.83 5.83 -3.58
CA GLN A 120 8.75 4.38 -3.80
C GLN A 120 7.31 3.94 -4.01
N ILE A 121 6.40 4.51 -3.21
CA ILE A 121 4.99 4.15 -3.33
C ILE A 121 4.41 4.65 -4.66
N SER A 122 4.70 5.89 -5.02
CA SER A 122 4.18 6.43 -6.27
C SER A 122 4.73 5.62 -7.45
N SER A 123 5.94 5.09 -7.28
CA SER A 123 6.56 4.30 -8.32
C SER A 123 5.70 3.05 -8.58
N ALA A 124 5.34 2.36 -7.51
CA ALA A 124 4.52 1.16 -7.61
C ALA A 124 3.16 1.47 -8.22
N MET A 125 2.59 2.61 -7.83
CA MET A 125 1.28 2.99 -8.35
C MET A 125 1.35 3.37 -9.81
N GLU A 126 2.48 3.93 -10.24
CA GLU A 126 2.63 4.29 -11.64
C GLU A 126 2.62 3.00 -12.44
N TYR A 127 3.24 1.97 -11.87
CA TYR A 127 3.29 0.66 -12.50
C TYR A 127 1.85 0.12 -12.64
N LEU A 128 1.10 0.12 -11.54
CA LEU A 128 -0.28 -0.37 -11.58
C LEU A 128 -1.13 0.48 -12.52
N GLU A 129 -0.90 1.79 -12.50
CA GLU A 129 -1.65 2.69 -13.35
C GLU A 129 -1.46 2.29 -14.82
N LYS A 130 -0.23 2.06 -15.23
CA LYS A 130 0.03 1.68 -16.61
C LYS A 130 -0.47 0.27 -16.95
N LYS A 131 -0.62 -0.58 -15.94
CA LYS A 131 -1.12 -1.93 -16.14
C LYS A 131 -2.65 -1.87 -16.17
N ASN A 132 -3.19 -0.71 -15.85
CA ASN A 132 -4.62 -0.46 -15.80
C ASN A 132 -5.27 -1.25 -14.66
N PHE A 133 -4.54 -1.34 -13.55
CA PHE A 133 -5.00 -2.03 -12.35
C PHE A 133 -5.35 -0.97 -11.31
N ILE A 134 -6.22 -1.31 -10.38
CA ILE A 134 -6.56 -0.40 -9.29
C ILE A 134 -6.24 -1.18 -8.02
N HIS A 135 -5.76 -0.50 -6.99
CA HIS A 135 -5.42 -1.16 -5.74
C HIS A 135 -6.64 -1.22 -4.83
N ARG A 136 -7.30 -0.07 -4.71
CA ARG A 136 -8.52 0.08 -3.92
C ARG A 136 -8.40 0.08 -2.41
N ASP A 137 -7.18 0.07 -1.89
CA ASP A 137 -7.01 0.11 -0.45
C ASP A 137 -5.67 0.71 -0.05
N LEU A 138 -5.30 1.79 -0.72
CA LEU A 138 -4.04 2.46 -0.39
C LEU A 138 -4.17 3.15 0.95
N ALA A 139 -3.23 2.84 1.84
CA ALA A 139 -3.20 3.42 3.18
C ALA A 139 -1.85 3.01 3.75
N ALA A 140 -1.31 3.80 4.67
CA ALA A 140 -0.01 3.46 5.25
C ALA A 140 -0.02 2.08 5.92
N ARG A 141 -1.16 1.71 6.48
CA ARG A 141 -1.28 0.42 7.15
C ARG A 141 -1.11 -0.71 6.14
N ASN A 142 -1.30 -0.42 4.86
CA ASN A 142 -1.18 -1.43 3.82
C ASN A 142 0.15 -1.41 3.06
N CYS A 143 1.12 -0.68 3.60
CA CYS A 143 2.44 -0.63 3.01
C CYS A 143 3.39 -1.30 4.02
N LEU A 144 4.48 -1.85 3.53
CA LEU A 144 5.45 -2.54 4.37
C LEU A 144 6.84 -1.92 4.28
N VAL A 145 7.62 -2.11 5.33
CA VAL A 145 8.97 -1.55 5.39
C VAL A 145 10.03 -2.63 5.55
N GLY A 146 11.07 -2.55 4.73
CA GLY A 146 12.17 -3.48 4.79
C GLY A 146 13.44 -2.75 5.23
N GLU A 147 14.61 -3.35 4.97
CA GLU A 147 15.88 -2.74 5.33
C GLU A 147 16.14 -1.47 4.51
N ASN A 148 16.87 -0.54 5.10
CA ASN A 148 17.21 0.73 4.43
C ASN A 148 16.01 1.52 3.92
N HIS A 149 14.95 1.56 4.72
CA HIS A 149 13.73 2.30 4.37
C HIS A 149 13.08 1.84 3.07
N LEU A 150 13.31 0.59 2.69
CA LEU A 150 12.68 0.05 1.49
C LEU A 150 11.19 0.00 1.78
N VAL A 151 10.38 0.47 0.84
CA VAL A 151 8.94 0.45 1.03
C VAL A 151 8.25 -0.26 -0.13
N LYS A 152 7.29 -1.10 0.21
CA LYS A 152 6.51 -1.84 -0.78
C LYS A 152 5.03 -1.79 -0.42
N VAL A 153 4.19 -1.68 -1.44
CA VAL A 153 2.75 -1.67 -1.27
C VAL A 153 2.31 -3.11 -1.14
N ALA A 154 1.29 -3.36 -0.32
CA ALA A 154 0.81 -4.72 -0.14
C ALA A 154 -0.71 -4.79 -0.08
N ASP A 155 -1.19 -5.93 0.40
CA ASP A 155 -2.61 -6.19 0.57
C ASP A 155 -3.46 -5.83 -0.66
N PHE A 156 -3.50 -6.77 -1.59
CA PHE A 156 -4.19 -6.61 -2.85
C PHE A 156 -5.53 -7.31 -2.87
N GLY A 157 -6.12 -7.51 -1.69
CA GLY A 157 -7.40 -8.17 -1.60
C GLY A 157 -8.49 -7.55 -2.46
N LEU A 158 -8.41 -6.24 -2.71
CA LEU A 158 -9.41 -5.56 -3.52
C LEU A 158 -8.88 -5.11 -4.88
N SER A 159 -7.60 -5.38 -5.13
CA SER A 159 -6.95 -4.97 -6.38
C SER A 159 -7.67 -5.60 -7.55
N ARG A 160 -7.88 -4.80 -8.58
CA ARG A 160 -8.65 -5.20 -9.74
C ARG A 160 -8.02 -4.80 -11.07
N LEU A 161 -8.04 -5.70 -12.05
CA LEU A 161 -7.55 -5.35 -13.38
C LEU A 161 -8.82 -4.74 -13.98
N MET A 162 -8.76 -3.51 -14.43
CA MET A 162 -9.96 -2.89 -14.99
C MET A 162 -10.13 -3.13 -16.47
N THR A 163 -11.38 -3.35 -16.87
CA THR A 163 -11.74 -3.59 -18.27
C THR A 163 -12.20 -2.26 -18.83
N GLY A 164 -12.91 -1.51 -18.00
CA GLY A 164 -13.39 -0.21 -18.42
C GLY A 164 -12.55 0.90 -17.85
N ASP A 165 -13.18 2.04 -17.60
CA ASP A 165 -12.50 3.19 -17.05
C ASP A 165 -12.79 3.29 -15.55
N THR A 166 -13.87 2.66 -15.14
CA THR A 166 -14.28 2.68 -13.73
C THR A 166 -14.73 1.30 -13.28
N TYR A 167 -14.82 1.14 -11.96
CA TYR A 167 -15.27 -0.11 -11.37
C TYR A 167 -16.30 0.23 -10.31
N THR A 168 -17.45 -0.42 -10.37
CA THR A 168 -18.49 -0.16 -9.39
C THR A 168 -18.54 -1.30 -8.38
N ALA A 169 -18.20 -0.99 -7.13
CA ALA A 169 -18.21 -2.00 -6.09
C ALA A 169 -19.67 -2.38 -5.84
N PRO A 170 -19.92 -3.61 -5.39
CA PRO A 170 -21.28 -4.08 -5.13
C PRO A 170 -22.00 -3.21 -4.10
N ALA A 171 -23.29 -3.00 -4.29
CA ALA A 171 -24.06 -2.20 -3.35
C ALA A 171 -23.95 -2.85 -1.98
N GLY A 172 -23.93 -2.04 -0.93
CA GLY A 172 -23.83 -2.60 0.42
C GLY A 172 -22.40 -2.70 0.92
N ALA A 173 -21.43 -2.74 0.00
CA ALA A 173 -20.03 -2.83 0.38
C ALA A 173 -19.67 -1.59 1.22
N LYS A 174 -18.79 -1.76 2.19
CA LYS A 174 -18.39 -0.64 3.04
C LYS A 174 -16.90 -0.36 2.85
N PHE A 175 -16.52 0.91 2.89
CA PHE A 175 -15.13 1.28 2.71
C PHE A 175 -14.58 2.20 3.79
N PRO A 176 -13.24 2.28 3.92
CA PRO A 176 -12.54 3.12 4.90
C PRO A 176 -12.76 4.57 4.54
N ILE A 177 -13.83 5.13 5.12
CA ILE A 177 -14.25 6.51 4.88
C ILE A 177 -13.14 7.56 4.71
N LYS A 178 -12.18 7.62 5.63
CA LYS A 178 -11.11 8.61 5.57
C LYS A 178 -10.18 8.56 4.35
N TRP A 179 -10.03 7.39 3.74
CA TRP A 179 -9.16 7.24 2.58
C TRP A 179 -9.94 7.14 1.26
N THR A 180 -11.26 7.15 1.37
CA THR A 180 -12.13 7.00 0.20
C THR A 180 -12.56 8.29 -0.50
N ALA A 181 -12.36 8.33 -1.82
CA ALA A 181 -12.74 9.49 -2.62
C ALA A 181 -14.28 9.66 -2.60
N PRO A 182 -14.75 10.90 -2.73
CA PRO A 182 -16.19 11.23 -2.72
C PRO A 182 -17.06 10.45 -3.70
N GLU A 183 -16.58 10.26 -4.93
CA GLU A 183 -17.37 9.54 -5.93
C GLU A 183 -17.51 8.08 -5.53
N SER A 184 -16.55 7.59 -4.74
CA SER A 184 -16.58 6.20 -4.30
C SER A 184 -17.55 6.06 -3.14
N LEU A 185 -17.48 7.01 -2.21
CA LEU A 185 -18.38 7.01 -1.05
C LEU A 185 -19.83 7.19 -1.49
N ALA A 186 -20.04 8.08 -2.45
CA ALA A 186 -21.39 8.39 -2.93
C ALA A 186 -21.99 7.44 -3.97
N TYR A 187 -21.18 6.95 -4.89
CA TYR A 187 -21.70 6.08 -5.93
C TYR A 187 -20.97 4.75 -6.10
N ASN A 188 -20.08 4.43 -5.16
CA ASN A 188 -19.32 3.18 -5.22
C ASN A 188 -18.47 3.08 -6.49
N LYS A 189 -18.10 4.24 -7.04
CA LYS A 189 -17.28 4.27 -8.26
C LYS A 189 -15.80 4.40 -7.95
N PHE A 190 -15.01 3.44 -8.43
CA PHE A 190 -13.58 3.46 -8.22
C PHE A 190 -12.81 3.50 -9.54
N SER A 191 -11.63 4.08 -9.49
CA SER A 191 -10.78 4.19 -10.67
C SER A 191 -9.37 4.49 -10.20
N ILE A 192 -8.43 4.57 -11.13
CA ILE A 192 -7.07 4.87 -10.73
C ILE A 192 -7.10 6.24 -10.03
N LYS A 193 -8.05 7.09 -10.43
CA LYS A 193 -8.18 8.40 -9.81
C LYS A 193 -8.62 8.32 -8.35
N SER A 194 -9.37 7.27 -7.97
CA SER A 194 -9.75 7.16 -6.58
C SER A 194 -8.53 6.67 -5.78
N ASP A 195 -7.62 5.95 -6.44
CA ASP A 195 -6.39 5.50 -5.78
C ASP A 195 -5.52 6.74 -5.55
N VAL A 196 -5.58 7.68 -6.49
CA VAL A 196 -4.80 8.91 -6.37
C VAL A 196 -5.26 9.70 -5.14
N TRP A 197 -6.57 9.78 -4.97
CA TRP A 197 -7.11 10.49 -3.81
C TRP A 197 -6.56 9.82 -2.55
N ALA A 198 -6.65 8.50 -2.51
CA ALA A 198 -6.16 7.72 -1.38
C ALA A 198 -4.67 7.97 -1.14
N PHE A 199 -3.91 8.10 -2.23
CA PHE A 199 -2.48 8.35 -2.12
C PHE A 199 -2.26 9.68 -1.43
N GLY A 200 -3.16 10.62 -1.68
CA GLY A 200 -3.06 11.92 -1.04
C GLY A 200 -3.19 11.77 0.46
N VAL A 201 -4.13 10.93 0.89
CA VAL A 201 -4.32 10.72 2.32
C VAL A 201 -3.11 10.02 2.91
N LEU A 202 -2.50 9.13 2.13
CA LEU A 202 -1.32 8.40 2.57
C LEU A 202 -0.14 9.37 2.73
N LEU A 203 -0.04 10.35 1.84
CA LEU A 203 1.04 11.34 1.94
C LEU A 203 0.89 12.08 3.27
N TRP A 204 -0.36 12.35 3.64
CA TRP A 204 -0.65 13.05 4.88
C TRP A 204 -0.25 12.21 6.09
N GLU A 205 -0.46 10.89 6.03
CA GLU A 205 -0.06 10.00 7.13
C GLU A 205 1.45 10.03 7.28
N ILE A 206 2.15 10.01 6.14
CA ILE A 206 3.60 10.05 6.15
C ILE A 206 4.07 11.37 6.78
N ALA A 207 3.55 12.48 6.26
CA ALA A 207 3.91 13.81 6.74
C ALA A 207 3.70 14.00 8.24
N THR A 208 2.70 13.32 8.80
CA THR A 208 2.42 13.47 10.23
C THR A 208 2.96 12.32 11.06
N TYR A 209 3.82 11.51 10.46
CA TYR A 209 4.38 10.34 11.13
C TYR A 209 3.32 9.39 11.69
N GLY A 210 2.24 9.21 10.93
CA GLY A 210 1.20 8.29 11.33
C GLY A 210 -0.01 8.76 12.12
N MET A 211 -0.35 10.03 12.03
CA MET A 211 -1.53 10.51 12.74
C MET A 211 -2.75 9.98 11.99
N SER A 212 -3.87 9.82 12.68
CA SER A 212 -5.09 9.35 12.03
C SER A 212 -5.70 10.55 11.31
N PRO A 213 -6.10 10.36 10.05
CA PRO A 213 -6.69 11.42 9.22
C PRO A 213 -7.87 12.14 9.87
N TYR A 214 -8.17 13.33 9.35
CA TYR A 214 -9.29 14.16 9.84
C TYR A 214 -9.45 14.12 11.36
N PRO A 215 -8.44 14.61 12.09
CA PRO A 215 -8.39 14.68 13.56
C PRO A 215 -9.65 15.19 14.25
N GLY A 216 -10.26 14.34 15.08
CA GLY A 216 -11.45 14.73 15.81
C GLY A 216 -12.75 14.80 15.04
N ILE A 217 -12.67 14.90 13.71
CA ILE A 217 -13.86 14.98 12.87
C ILE A 217 -14.63 13.66 12.85
N ASP A 218 -15.95 13.76 12.97
CA ASP A 218 -16.81 12.58 12.96
C ASP A 218 -16.99 11.99 11.57
N LEU A 219 -16.78 10.68 11.45
CA LEU A 219 -16.89 9.99 10.16
C LEU A 219 -18.15 10.33 9.37
N SER A 220 -19.25 10.55 10.08
CA SER A 220 -20.52 10.86 9.44
C SER A 220 -20.55 12.25 8.83
N GLN A 221 -19.58 13.09 9.19
CA GLN A 221 -19.52 14.45 8.68
C GLN A 221 -18.43 14.64 7.61
N VAL A 222 -17.61 13.63 7.40
CA VAL A 222 -16.53 13.73 6.42
C VAL A 222 -17.01 14.11 5.02
N TYR A 223 -17.95 13.35 4.47
CA TYR A 223 -18.46 13.63 3.14
C TYR A 223 -18.99 15.05 2.99
N GLU A 224 -19.82 15.48 3.93
CA GLU A 224 -20.39 16.82 3.90
C GLU A 224 -19.30 17.88 3.90
N LEU A 225 -18.26 17.66 4.70
CA LEU A 225 -17.16 18.59 4.79
C LEU A 225 -16.42 18.71 3.46
N LEU A 226 -16.08 17.56 2.88
CA LEU A 226 -15.38 17.52 1.61
C LEU A 226 -16.17 18.27 0.53
N GLU A 227 -17.47 18.04 0.51
CA GLU A 227 -18.35 18.67 -0.46
C GLU A 227 -18.34 20.20 -0.33
N LYS A 228 -18.09 20.70 0.87
CA LYS A 228 -18.03 22.16 1.09
C LYS A 228 -16.62 22.68 0.77
N ASP A 229 -15.78 21.77 0.30
CA ASP A 229 -14.39 22.07 -0.09
C ASP A 229 -13.39 22.06 1.06
N TYR A 230 -13.78 21.48 2.18
CA TYR A 230 -12.86 21.37 3.31
C TYR A 230 -11.86 20.26 3.00
N ARG A 231 -10.60 20.46 3.40
CA ARG A 231 -9.55 19.47 3.20
C ARG A 231 -8.60 19.59 4.38
N MET A 232 -7.94 18.49 4.75
CA MET A 232 -7.03 18.54 5.88
C MET A 232 -5.99 19.63 5.67
N GLU A 233 -5.54 20.25 6.76
CA GLU A 233 -4.56 21.32 6.64
C GLU A 233 -3.15 20.79 6.46
N ARG A 234 -2.26 21.68 6.01
CA ARG A 234 -0.86 21.32 5.79
C ARG A 234 -0.18 20.97 7.12
N PRO A 235 0.36 19.74 7.22
CA PRO A 235 1.02 19.28 8.44
C PRO A 235 2.24 20.17 8.76
N GLU A 236 2.44 20.43 10.05
CA GLU A 236 3.56 21.25 10.45
C GLU A 236 4.83 20.61 9.87
N GLY A 237 5.69 21.42 9.27
CA GLY A 237 6.91 20.90 8.70
C GLY A 237 6.79 20.30 7.30
N CYS A 238 5.57 20.17 6.80
CA CYS A 238 5.37 19.60 5.46
C CYS A 238 5.73 20.62 4.38
N PRO A 239 6.66 20.28 3.47
CA PRO A 239 7.05 21.20 2.40
C PRO A 239 5.86 21.64 1.56
N GLU A 240 5.83 22.91 1.19
CA GLU A 240 4.73 23.46 0.42
C GLU A 240 4.45 22.71 -0.88
N LYS A 241 5.49 22.30 -1.57
CA LYS A 241 5.31 21.56 -2.82
C LYS A 241 4.60 20.23 -2.58
N VAL A 242 4.87 19.60 -1.44
CA VAL A 242 4.23 18.32 -1.14
C VAL A 242 2.75 18.54 -0.81
N TYR A 243 2.45 19.60 -0.05
CA TYR A 243 1.06 19.87 0.30
C TYR A 243 0.26 20.19 -0.95
N GLU A 244 0.88 20.91 -1.89
CA GLU A 244 0.23 21.25 -3.15
C GLU A 244 -0.19 19.96 -3.85
N LEU A 245 0.77 19.04 -3.99
CA LEU A 245 0.50 17.76 -4.63
C LEU A 245 -0.67 17.09 -3.90
N MET A 246 -0.62 17.15 -2.57
CA MET A 246 -1.65 16.57 -1.72
C MET A 246 -3.00 17.14 -2.12
N ARG A 247 -3.08 18.47 -2.17
CA ARG A 247 -4.31 19.14 -2.53
C ARG A 247 -4.76 18.77 -3.93
N ALA A 248 -3.81 18.50 -4.82
CA ALA A 248 -4.19 18.11 -6.18
C ALA A 248 -4.84 16.73 -6.14
N CYS A 249 -4.34 15.86 -5.28
CA CYS A 249 -4.89 14.51 -5.15
C CYS A 249 -6.32 14.55 -4.63
N TRP A 250 -6.67 15.63 -3.92
CA TRP A 250 -8.02 15.75 -3.38
C TRP A 250 -8.95 16.67 -4.18
N GLN A 251 -8.73 16.77 -5.49
CA GLN A 251 -9.61 17.57 -6.33
C GLN A 251 -10.93 16.79 -6.31
N TRP A 252 -12.05 17.49 -6.18
CA TRP A 252 -13.36 16.83 -6.14
C TRP A 252 -13.63 15.97 -7.38
N ASN A 253 -13.30 16.51 -8.55
CA ASN A 253 -13.50 15.79 -9.79
C ASN A 253 -12.30 14.89 -10.06
N PRO A 254 -12.54 13.58 -10.19
CA PRO A 254 -11.42 12.66 -10.44
C PRO A 254 -10.55 13.05 -11.63
N SER A 255 -11.16 13.60 -12.68
CA SER A 255 -10.41 13.97 -13.87
C SER A 255 -9.39 15.08 -13.61
N ASP A 256 -9.63 15.89 -12.57
CA ASP A 256 -8.74 17.00 -12.21
C ASP A 256 -7.54 16.57 -11.36
N ARG A 257 -7.53 15.32 -10.91
CA ARG A 257 -6.44 14.81 -10.09
C ARG A 257 -5.30 14.37 -11.02
N PRO A 258 -4.04 14.55 -10.57
CA PRO A 258 -2.89 14.16 -11.40
C PRO A 258 -2.77 12.65 -11.59
N SER A 259 -1.93 12.25 -12.53
CA SER A 259 -1.70 10.83 -12.78
C SER A 259 -0.56 10.42 -11.85
N PHE A 260 -0.40 9.12 -11.62
CA PHE A 260 0.68 8.66 -10.79
C PHE A 260 2.02 8.89 -11.49
N ALA A 261 2.02 8.86 -12.82
CA ALA A 261 3.25 9.12 -13.56
C ALA A 261 3.73 10.53 -13.22
N GLU A 262 2.79 11.47 -13.16
CA GLU A 262 3.12 12.85 -12.83
C GLU A 262 3.56 12.96 -11.37
N ILE A 263 2.84 12.28 -10.49
CA ILE A 263 3.15 12.29 -9.07
C ILE A 263 4.55 11.74 -8.81
N HIS A 264 4.84 10.59 -9.43
CA HIS A 264 6.14 9.94 -9.29
C HIS A 264 7.28 10.86 -9.75
N GLN A 265 7.07 11.52 -10.89
CA GLN A 265 8.08 12.42 -11.45
C GLN A 265 8.35 13.57 -10.49
N ALA A 266 7.30 14.05 -9.84
CA ALA A 266 7.44 15.14 -8.89
C ALA A 266 8.24 14.71 -7.67
N PHE A 267 7.91 13.56 -7.10
CA PHE A 267 8.63 13.10 -5.92
C PHE A 267 10.06 12.68 -6.25
N GLU A 268 10.25 12.10 -7.41
CA GLU A 268 11.58 11.68 -7.84
C GLU A 268 12.49 12.90 -7.82
N THR A 269 11.98 14.00 -8.37
CA THR A 269 12.75 15.24 -8.42
C THR A 269 12.97 15.85 -7.04
N MET A 270 11.98 15.72 -6.16
CA MET A 270 12.11 16.27 -4.81
C MET A 270 13.05 15.41 -3.98
N PHE A 271 12.94 14.09 -4.15
CA PHE A 271 13.81 13.18 -3.41
C PHE A 271 15.28 13.43 -3.76
N GLN A 272 15.56 13.45 -5.06
CA GLN A 272 16.92 13.67 -5.55
C GLN A 272 17.55 14.94 -4.97
N GLU A 273 16.87 16.06 -5.14
CA GLU A 273 17.37 17.34 -4.65
C GLU A 273 17.54 17.34 -3.12
N SER A 274 16.57 16.77 -2.41
CA SER A 274 16.64 16.70 -0.97
C SER A 274 17.78 15.79 -0.53
N SER A 275 17.98 14.71 -1.26
CA SER A 275 19.03 13.76 -0.95
C SER A 275 20.39 14.43 -1.09
N ILE A 276 20.62 15.04 -2.25
CA ILE A 276 21.86 15.74 -2.53
C ILE A 276 22.18 16.71 -1.39
N SER A 277 21.17 17.49 -1.02
CA SER A 277 21.31 18.47 0.04
C SER A 277 21.73 17.83 1.35
N ASP A 278 21.17 16.66 1.64
CA ASP A 278 21.50 15.95 2.88
C ASP A 278 22.95 15.47 2.86
N GLU A 279 23.39 14.96 1.72
CA GLU A 279 24.77 14.47 1.61
C GLU A 279 25.77 15.62 1.69
N VAL A 280 25.45 16.75 1.06
CA VAL A 280 26.34 17.91 1.10
C VAL A 280 26.45 18.43 2.53
N GLU A 281 25.34 18.39 3.26
CA GLU A 281 25.33 18.84 4.65
C GLU A 281 26.27 17.98 5.48
N LYS A 282 26.25 16.66 5.24
CA LYS A 282 27.12 15.73 5.97
C LYS A 282 28.57 16.03 5.61
N GLU A 283 28.76 16.44 4.35
CA GLU A 283 30.08 16.78 3.84
C GLU A 283 30.73 17.89 4.65
N LEU A 284 29.89 18.76 5.23
CA LEU A 284 30.37 19.88 6.03
C LEU A 284 31.20 19.44 7.22
N GLY A 285 31.32 18.12 7.40
CA GLY A 285 32.11 17.63 8.51
C GLY A 285 33.00 16.44 8.16
N LYS A 286 33.60 16.43 6.97
CA LYS A 286 34.45 15.30 6.61
C LYS A 286 35.36 15.37 5.38
N GLN A 287 35.03 16.20 4.39
CA GLN A 287 35.85 16.29 3.16
C GLN A 287 37.34 15.94 3.28
N1 VX6 B . 7.90 -6.23 14.39
C2 VX6 B . 6.41 -6.24 14.39
C3 VX6 B . 5.81 -7.27 13.42
N4 VX6 B . 6.40 -7.31 11.97
C5 VX6 B . 7.93 -7.11 11.97
C6 VX6 B . 8.44 -6.06 13.02
C7 VX6 B . 8.44 -5.20 15.37
C8 VX6 B . 5.66 -7.59 10.77
C9 VX6 B . 6.31 -7.95 9.50
C10 VX6 B . 5.48 -8.20 8.37
N11 VX6 B . 4.13 -8.13 8.54
C12 VX6 B . 3.59 -7.79 9.71
N13 VX6 B . 4.29 -7.53 10.79
N14 VX6 B . 6.08 -8.53 7.18
C15 VX6 B . 5.60 -8.95 5.88
C17 VX6 B . 4.26 -9.01 5.48
C18 VX6 B . 4.28 -9.45 4.15
N19 VX6 B . 5.60 -9.65 3.75
N20 VX6 B . 6.40 -9.35 4.80
C21 VX6 B . 3.11 -9.68 3.22
S23 VX6 B . 1.78 -7.70 9.77
C24 VX6 B . 1.15 -8.16 8.23
C25 VX6 B . 0.63 -7.18 7.36
C26 VX6 B . 0.17 -7.57 6.06
C27 VX6 B . 0.22 -8.91 5.66
C28 VX6 B . 0.74 -9.89 6.55
C29 VX6 B . 1.21 -9.49 7.86
N30 VX6 B . -0.22 -9.33 4.36
C31 VX6 B . -0.28 -10.53 3.70
O32 VX6 B . 0.11 -11.60 4.16
C33 VX6 B . -0.85 -10.45 2.29
C34 VX6 B . 0.08 -10.43 1.01
C35 VX6 B . -1.06 -11.47 1.17
#